data_8SDJ
#
_entry.id   8SDJ
#
_cell.length_a   38.600
_cell.length_b   38.830
_cell.length_c   164.300
_cell.angle_alpha   90.000
_cell.angle_beta   89.940
_cell.angle_gamma   90.000
#
_symmetry.space_group_name_H-M   'P 1 21 1'
#
_entity_poly.entity_id   1
_entity_poly.type   'polypeptide(L)'
_entity_poly.pdbx_seq_one_letter_code
;GPSGGEVALEHKKKIQKQLEHLKKLRKSGEEQRSYGEEKAVSFLKQTEALKQRVQRKLEQVYYFLEQQEHFFVASLEDVG
QMVGQIRKAYDTRVSQDIALLDALIGELEAKE
;
_entity_poly.pdbx_strand_id   A,B,C,D
#
# COMPACT_ATOMS: atom_id res chain seq x y z
N GLY A 1 -20.97 85.28 21.12
CA GLY A 1 -21.82 84.43 20.23
C GLY A 1 -21.08 83.99 18.96
N PRO A 2 -21.45 82.83 18.37
CA PRO A 2 -20.81 82.33 17.15
C PRO A 2 -21.54 82.58 15.82
N SER A 3 -22.74 83.18 15.90
CA SER A 3 -23.56 83.61 14.77
C SER A 3 -24.32 82.44 14.16
N GLY A 4 -25.62 82.65 13.88
CA GLY A 4 -26.48 81.60 13.37
C GLY A 4 -25.81 80.86 12.22
N GLY A 5 -24.97 81.61 11.48
CA GLY A 5 -24.28 81.13 10.30
C GLY A 5 -23.25 80.05 10.60
N GLU A 6 -22.38 80.34 11.57
CA GLU A 6 -21.29 79.42 11.86
C GLU A 6 -21.78 78.28 12.77
N VAL A 7 -23.04 78.35 13.25
CA VAL A 7 -23.66 77.24 13.96
C VAL A 7 -24.27 76.27 12.95
N ALA A 8 -25.02 76.83 11.99
CA ALA A 8 -25.55 76.08 10.86
C ALA A 8 -24.41 75.34 10.16
N LEU A 9 -23.22 75.95 10.14
CA LEU A 9 -22.06 75.47 9.43
C LEU A 9 -21.54 74.21 10.09
N GLU A 10 -21.29 74.29 11.40
CA GLU A 10 -20.69 73.21 12.18
C GLU A 10 -21.59 71.97 12.18
N HIS A 11 -22.89 72.21 12.39
CA HIS A 11 -23.87 71.14 12.40
C HIS A 11 -23.86 70.45 11.04
N LYS A 12 -23.85 71.25 9.96
CA LYS A 12 -23.83 70.73 8.59
C LYS A 12 -22.63 69.80 8.42
N LYS A 13 -21.42 70.31 8.71
CA LYS A 13 -20.23 69.48 8.70
C LYS A 13 -20.45 68.28 9.64
N LYS A 14 -20.84 68.52 10.90
CA LYS A 14 -20.90 67.48 11.93
C LYS A 14 -21.71 66.28 11.41
N ILE A 15 -22.90 66.56 10.86
CA ILE A 15 -23.82 65.54 10.37
C ILE A 15 -23.24 64.85 9.13
N GLN A 16 -22.49 65.61 8.31
CA GLN A 16 -21.88 65.10 7.09
CA GLN A 16 -21.95 65.04 7.09
C GLN A 16 -20.88 64.00 7.47
N LYS A 17 -20.01 64.36 8.42
CA LYS A 17 -18.90 63.53 8.88
C LYS A 17 -19.43 62.24 9.52
N GLN A 18 -20.70 62.27 9.98
CA GLN A 18 -21.33 61.13 10.60
C GLN A 18 -21.88 60.19 9.54
N LEU A 19 -22.65 60.76 8.60
CA LEU A 19 -23.24 60.00 7.50
C LEU A 19 -22.12 59.46 6.57
N GLU A 20 -20.89 59.98 6.77
CA GLU A 20 -19.73 59.57 6.00
C GLU A 20 -19.18 58.30 6.63
N HIS A 21 -18.87 58.35 7.93
CA HIS A 21 -18.40 57.20 8.67
C HIS A 21 -19.39 56.04 8.61
N LEU A 22 -20.68 56.35 8.73
CA LEU A 22 -21.76 55.35 8.72
C LEU A 22 -21.98 54.66 7.37
N LYS A 23 -21.41 55.18 6.26
CA LYS A 23 -21.66 54.64 4.94
C LYS A 23 -20.44 53.81 4.51
N LYS A 24 -19.23 54.27 4.88
CA LYS A 24 -18.03 53.42 4.87
C LYS A 24 -18.33 52.13 5.64
N LEU A 25 -18.75 52.27 6.90
CA LEU A 25 -19.02 51.12 7.74
C LEU A 25 -19.95 50.19 6.99
N ARG A 26 -20.91 50.76 6.25
CA ARG A 26 -21.88 49.93 5.54
C ARG A 26 -21.23 49.32 4.30
N LYS A 27 -20.31 50.06 3.67
CA LYS A 27 -19.62 49.43 2.57
C LYS A 27 -18.78 48.30 3.14
N SER A 28 -18.03 48.59 4.22
CA SER A 28 -17.17 47.63 4.89
C SER A 28 -17.96 46.37 5.21
N GLY A 29 -19.24 46.54 5.49
CA GLY A 29 -20.12 45.42 5.77
C GLY A 29 -20.24 44.50 4.56
N GLU A 30 -20.66 45.03 3.39
CA GLU A 30 -20.95 44.19 2.23
C GLU A 30 -19.67 43.62 1.61
N GLU A 31 -18.55 44.35 1.72
CA GLU A 31 -17.23 43.83 1.38
C GLU A 31 -16.85 42.63 2.26
N GLN A 32 -17.16 42.66 3.57
CA GLN A 32 -16.95 41.54 4.48
C GLN A 32 -17.80 40.35 4.04
N ARG A 33 -19.03 40.60 3.58
CA ARG A 33 -19.93 39.52 3.22
C ARG A 33 -19.51 38.91 1.90
N SER A 34 -18.96 39.77 1.01
CA SER A 34 -18.44 39.37 -0.28
C SER A 34 -17.16 38.56 -0.12
N TYR A 35 -16.26 39.07 0.74
CA TYR A 35 -14.95 38.44 0.88
C TYR A 35 -15.15 37.04 1.47
N GLY A 36 -15.91 36.94 2.58
CA GLY A 36 -16.26 35.67 3.17
C GLY A 36 -16.94 34.71 2.20
N GLU A 37 -17.74 35.21 1.26
CA GLU A 37 -18.37 34.30 0.32
C GLU A 37 -17.34 33.69 -0.65
N GLU A 38 -16.63 34.55 -1.40
CA GLU A 38 -15.75 34.05 -2.44
C GLU A 38 -14.70 33.14 -1.80
N LYS A 39 -14.37 33.41 -0.54
CA LYS A 39 -13.41 32.59 0.17
C LYS A 39 -14.03 31.30 0.69
N ALA A 40 -15.35 31.28 0.97
CA ALA A 40 -15.94 29.99 1.21
C ALA A 40 -15.92 29.14 -0.06
N VAL A 41 -16.16 29.80 -1.20
CA VAL A 41 -16.26 29.15 -2.50
C VAL A 41 -14.88 28.62 -2.86
N SER A 42 -13.87 29.44 -2.60
CA SER A 42 -12.56 29.00 -3.02
C SER A 42 -12.17 27.77 -2.20
N PHE A 43 -12.21 27.91 -0.87
CA PHE A 43 -11.88 26.87 0.09
C PHE A 43 -12.55 25.54 -0.25
N LEU A 44 -13.90 25.52 -0.39
CA LEU A 44 -14.61 24.32 -0.82
C LEU A 44 -13.99 23.73 -2.09
N LYS A 45 -13.69 24.59 -3.07
CA LYS A 45 -13.19 24.18 -4.39
C LYS A 45 -11.84 23.44 -4.26
N GLN A 46 -10.83 24.05 -3.62
CA GLN A 46 -9.52 23.41 -3.46
C GLN A 46 -9.69 22.05 -2.81
N THR A 47 -10.41 22.04 -1.68
CA THR A 47 -10.92 20.90 -0.92
C THR A 47 -11.47 19.81 -1.82
N GLU A 48 -12.42 20.18 -2.69
CA GLU A 48 -12.91 19.25 -3.68
C GLU A 48 -11.73 18.67 -4.44
N ALA A 49 -10.82 19.53 -4.93
CA ALA A 49 -9.66 19.07 -5.66
C ALA A 49 -8.83 18.09 -4.82
N LEU A 50 -8.45 18.46 -3.59
CA LEU A 50 -7.76 17.54 -2.67
C LEU A 50 -8.55 16.23 -2.64
N LYS A 51 -9.88 16.31 -2.71
CA LYS A 51 -10.68 15.11 -2.48
C LYS A 51 -10.38 14.16 -3.63
N GLN A 52 -10.38 14.74 -4.85
CA GLN A 52 -10.30 13.93 -6.03
C GLN A 52 -8.87 13.49 -6.27
N ARG A 53 -7.88 14.29 -5.87
CA ARG A 53 -6.47 13.87 -6.05
C ARG A 53 -6.25 12.63 -5.19
N VAL A 54 -6.73 12.64 -3.95
CA VAL A 54 -6.50 11.50 -3.06
C VAL A 54 -7.14 10.24 -3.66
N GLN A 55 -8.28 10.40 -4.36
CA GLN A 55 -9.04 9.29 -4.91
C GLN A 55 -8.31 8.70 -6.10
N ARG A 56 -8.08 9.51 -7.14
CA ARG A 56 -7.28 9.12 -8.29
C ARG A 56 -5.95 8.50 -7.86
N LYS A 57 -5.39 8.93 -6.72
CA LYS A 57 -4.25 8.22 -6.21
C LYS A 57 -4.72 6.83 -5.83
N LEU A 58 -5.64 6.76 -4.86
CA LEU A 58 -6.01 5.49 -4.26
C LEU A 58 -6.51 4.56 -5.36
N GLU A 59 -7.01 5.16 -6.45
CA GLU A 59 -7.41 4.41 -7.61
C GLU A 59 -6.18 3.86 -8.35
N GLN A 60 -5.13 4.66 -8.55
CA GLN A 60 -3.91 4.13 -9.12
C GLN A 60 -3.32 2.97 -8.30
N VAL A 61 -3.40 3.06 -6.96
CA VAL A 61 -2.76 2.11 -6.04
C VAL A 61 -3.44 0.75 -6.13
N TYR A 62 -4.77 0.77 -5.96
CA TYR A 62 -5.66 -0.36 -6.14
C TYR A 62 -5.34 -1.15 -7.42
N TYR A 63 -5.33 -0.50 -8.58
CA TYR A 63 -5.08 -1.20 -9.82
C TYR A 63 -3.67 -1.79 -9.81
N PHE A 64 -2.74 -1.10 -9.12
CA PHE A 64 -1.35 -1.54 -8.99
C PHE A 64 -1.25 -2.83 -8.19
N LEU A 65 -2.06 -2.95 -7.15
CA LEU A 65 -2.11 -4.17 -6.38
C LEU A 65 -2.65 -5.32 -7.23
N GLU A 66 -3.72 -5.05 -7.99
CA GLU A 66 -4.34 -6.06 -8.83
C GLU A 66 -3.28 -6.68 -9.74
N GLN A 67 -2.55 -5.82 -10.44
CA GLN A 67 -1.52 -6.24 -11.37
C GLN A 67 -0.43 -7.07 -10.67
N GLN A 68 -0.10 -6.72 -9.41
CA GLN A 68 0.90 -7.48 -8.70
C GLN A 68 0.34 -8.82 -8.22
N GLU A 69 -0.82 -8.80 -7.57
CA GLU A 69 -1.55 -10.03 -7.34
C GLU A 69 -1.53 -10.89 -8.61
N HIS A 70 -1.83 -10.31 -9.78
CA HIS A 70 -1.84 -11.11 -10.99
C HIS A 70 -0.46 -11.69 -11.27
N PHE A 71 0.56 -10.83 -11.22
CA PHE A 71 1.88 -11.30 -11.59
C PHE A 71 2.29 -12.38 -10.61
N PHE A 72 1.98 -12.21 -9.32
CA PHE A 72 2.37 -13.16 -8.29
C PHE A 72 1.74 -14.53 -8.51
N VAL A 73 0.42 -14.59 -8.81
CA VAL A 73 -0.23 -15.90 -8.90
C VAL A 73 0.27 -16.63 -10.14
N ALA A 74 0.58 -15.86 -11.19
CA ALA A 74 1.14 -16.39 -12.41
C ALA A 74 2.57 -16.91 -12.19
N SER A 75 3.39 -16.19 -11.41
CA SER A 75 4.75 -16.66 -11.17
C SER A 75 4.63 -18.06 -10.57
N LEU A 76 3.78 -18.16 -9.54
CA LEU A 76 3.70 -19.38 -8.77
C LEU A 76 2.99 -20.44 -9.62
N GLU A 77 2.07 -20.04 -10.50
CA GLU A 77 1.52 -21.10 -11.34
C GLU A 77 2.71 -21.69 -12.06
N ASP A 78 3.48 -20.79 -12.70
CA ASP A 78 4.66 -21.12 -13.45
C ASP A 78 5.51 -22.14 -12.66
N VAL A 79 5.91 -21.79 -11.44
CA VAL A 79 6.67 -22.70 -10.60
C VAL A 79 5.99 -24.07 -10.58
N GLY A 80 4.70 -24.09 -10.26
CA GLY A 80 3.86 -25.27 -10.36
C GLY A 80 4.19 -26.15 -11.58
N GLN A 81 3.99 -25.58 -12.77
CA GLN A 81 4.15 -26.26 -14.04
C GLN A 81 5.58 -26.79 -14.18
N MET A 82 6.54 -26.15 -13.52
N MET A 82 6.54 -26.15 -13.50
CA MET A 82 7.93 -26.56 -13.59
CA MET A 82 7.93 -26.56 -13.59
C MET A 82 8.14 -27.80 -12.73
C MET A 82 8.17 -27.79 -12.73
N VAL A 83 7.80 -27.68 -11.44
CA VAL A 83 7.93 -28.81 -10.54
C VAL A 83 7.35 -30.06 -11.22
N GLY A 84 6.12 -29.91 -11.75
CA GLY A 84 5.41 -30.99 -12.43
C GLY A 84 6.24 -31.62 -13.56
N GLN A 85 6.81 -30.79 -14.43
CA GLN A 85 7.60 -31.25 -15.57
C GLN A 85 8.90 -31.96 -15.16
N ILE A 86 9.59 -31.44 -14.12
CA ILE A 86 10.77 -32.08 -13.56
C ILE A 86 10.37 -33.41 -12.92
N ARG A 87 9.26 -33.44 -12.17
CA ARG A 87 8.76 -34.69 -11.62
C ARG A 87 8.54 -35.68 -12.77
N LYS A 88 7.80 -35.28 -13.79
CA LYS A 88 7.50 -36.14 -14.92
C LYS A 88 8.79 -36.71 -15.48
N ALA A 89 9.80 -35.85 -15.62
CA ALA A 89 10.87 -36.29 -16.50
C ALA A 89 11.77 -37.26 -15.75
N TYR A 90 11.90 -37.06 -14.44
CA TYR A 90 12.65 -38.01 -13.63
C TYR A 90 11.95 -39.35 -13.66
N ASP A 91 10.66 -39.30 -13.32
CA ASP A 91 9.79 -40.47 -13.30
C ASP A 91 9.94 -41.34 -14.55
N THR A 92 9.80 -40.76 -15.73
CA THR A 92 9.97 -41.51 -16.95
C THR A 92 11.32 -42.21 -16.90
N ARG A 93 12.36 -41.40 -16.71
CA ARG A 93 13.74 -41.84 -16.72
C ARG A 93 14.04 -42.90 -15.68
N VAL A 94 13.38 -42.87 -14.51
CA VAL A 94 13.75 -43.84 -13.48
C VAL A 94 13.04 -45.19 -13.70
N SER A 95 11.73 -45.12 -13.99
CA SER A 95 10.98 -46.33 -14.22
C SER A 95 11.51 -47.05 -15.47
N GLN A 96 12.20 -46.29 -16.31
CA GLN A 96 12.82 -46.80 -17.51
C GLN A 96 14.02 -47.65 -17.08
N ASP A 97 14.96 -47.01 -16.36
CA ASP A 97 16.05 -47.66 -15.65
C ASP A 97 15.53 -48.90 -14.95
N ILE A 98 14.34 -48.78 -14.35
CA ILE A 98 13.80 -49.89 -13.58
C ILE A 98 13.53 -51.05 -14.54
N ALA A 99 12.59 -50.86 -15.47
CA ALA A 99 12.24 -51.92 -16.41
C ALA A 99 13.51 -52.60 -16.92
N LEU A 100 14.58 -51.81 -17.11
CA LEU A 100 15.83 -52.35 -17.62
C LEU A 100 16.47 -53.28 -16.59
N LEU A 101 16.23 -53.01 -15.31
CA LEU A 101 16.78 -53.91 -14.29
C LEU A 101 15.90 -55.15 -14.23
N ASP A 102 14.62 -54.98 -14.58
CA ASP A 102 13.61 -56.03 -14.57
C ASP A 102 13.86 -57.01 -15.71
N ALA A 103 14.42 -56.50 -16.83
CA ALA A 103 14.92 -57.34 -17.90
C ALA A 103 16.06 -58.20 -17.36
N LEU A 104 17.00 -57.53 -16.68
CA LEU A 104 18.14 -58.21 -16.07
C LEU A 104 17.72 -59.13 -14.92
N ILE A 105 16.64 -58.78 -14.19
CA ILE A 105 16.18 -59.58 -13.05
C ILE A 105 15.65 -60.93 -13.52
N GLY A 106 14.50 -60.95 -14.21
CA GLY A 106 13.84 -62.17 -14.62
C GLY A 106 14.76 -63.16 -15.35
N GLU A 107 15.81 -62.64 -16.00
CA GLU A 107 16.75 -63.42 -16.78
CA GLU A 107 16.69 -63.46 -16.80
C GLU A 107 17.43 -64.45 -15.89
N LEU A 108 18.00 -63.96 -14.78
CA LEU A 108 18.66 -64.82 -13.82
C LEU A 108 17.60 -65.64 -13.08
N GLU A 109 16.46 -65.02 -12.80
CA GLU A 109 15.45 -65.61 -11.93
C GLU A 109 14.55 -66.61 -12.65
N ALA A 110 14.96 -67.03 -13.86
CA ALA A 110 14.25 -68.05 -14.63
C ALA A 110 15.24 -69.03 -15.26
N LYS A 111 16.47 -68.57 -15.49
CA LYS A 111 17.52 -69.51 -15.83
C LYS A 111 17.92 -70.19 -14.53
N GLU A 112 18.23 -69.39 -13.49
CA GLU A 112 18.46 -69.91 -12.15
C GLU A 112 17.27 -70.80 -11.72
N GLY B 1 43.20 -78.64 -10.28
CA GLY B 1 42.80 -77.22 -10.03
C GLY B 1 41.74 -77.13 -8.92
N PRO B 2 40.59 -76.45 -9.16
CA PRO B 2 39.57 -76.27 -8.13
C PRO B 2 38.65 -77.43 -7.72
N SER B 3 38.31 -78.33 -8.67
CA SER B 3 37.32 -79.39 -8.49
C SER B 3 35.88 -78.96 -8.78
N GLY B 4 35.06 -79.90 -9.24
CA GLY B 4 33.71 -79.59 -9.71
C GLY B 4 32.93 -78.76 -8.71
N GLY B 5 33.14 -79.10 -7.42
CA GLY B 5 32.41 -78.52 -6.30
C GLY B 5 32.78 -77.07 -6.02
N GLU B 6 34.02 -76.69 -6.26
CA GLU B 6 34.44 -75.35 -5.93
C GLU B 6 34.13 -74.37 -7.07
N VAL B 7 34.04 -74.86 -8.33
CA VAL B 7 33.59 -73.98 -9.40
C VAL B 7 32.09 -73.75 -9.26
N ALA B 8 31.31 -74.85 -9.13
CA ALA B 8 29.86 -74.75 -9.01
C ALA B 8 29.52 -73.76 -7.90
N LEU B 9 30.39 -73.74 -6.86
CA LEU B 9 30.24 -73.01 -5.62
C LEU B 9 30.38 -71.52 -5.87
N GLU B 10 31.59 -71.13 -6.29
CA GLU B 10 31.97 -69.77 -6.66
C GLU B 10 30.98 -69.13 -7.65
N HIS B 11 30.56 -69.91 -8.65
CA HIS B 11 29.60 -69.42 -9.64
C HIS B 11 28.26 -69.15 -8.97
N LYS B 12 27.85 -70.05 -8.05
CA LYS B 12 26.58 -69.87 -7.35
C LYS B 12 26.63 -68.57 -6.55
N LYS B 13 27.69 -68.43 -5.74
CA LYS B 13 27.94 -67.25 -4.95
C LYS B 13 28.02 -66.06 -5.92
N LYS B 14 28.65 -66.24 -7.08
CA LYS B 14 28.94 -65.14 -7.98
C LYS B 14 27.64 -64.58 -8.57
N ILE B 15 26.73 -65.46 -9.02
CA ILE B 15 25.45 -65.06 -9.61
C ILE B 15 24.51 -64.52 -8.53
N GLN B 16 24.80 -64.84 -7.26
CA GLN B 16 23.93 -64.44 -6.17
C GLN B 16 24.19 -62.97 -5.86
N LYS B 17 25.47 -62.65 -5.62
CA LYS B 17 25.91 -61.29 -5.38
C LYS B 17 25.39 -60.36 -6.48
N GLN B 18 25.30 -60.86 -7.73
CA GLN B 18 24.92 -60.07 -8.87
C GLN B 18 23.46 -59.65 -8.76
N LEU B 19 22.63 -60.65 -8.52
CA LEU B 19 21.18 -60.53 -8.36
C LEU B 19 20.90 -59.69 -7.11
N GLU B 20 21.83 -59.70 -6.15
CA GLU B 20 21.73 -58.94 -4.91
C GLU B 20 21.95 -57.45 -5.18
N HIS B 21 22.85 -57.14 -6.12
CA HIS B 21 23.17 -55.79 -6.51
C HIS B 21 22.08 -55.24 -7.41
N LEU B 22 21.76 -55.95 -8.51
CA LEU B 22 20.64 -55.56 -9.36
C LEU B 22 19.43 -55.11 -8.54
N LYS B 23 18.99 -55.92 -7.54
CA LYS B 23 17.67 -55.81 -6.94
C LYS B 23 17.60 -54.63 -5.96
N LYS B 24 18.69 -54.42 -5.18
CA LYS B 24 18.90 -53.11 -4.57
C LYS B 24 18.69 -52.01 -5.63
N LEU B 25 19.44 -52.04 -6.75
CA LEU B 25 19.30 -50.99 -7.74
C LEU B 25 17.84 -50.80 -8.11
N ARG B 26 17.07 -51.89 -8.16
CA ARG B 26 15.66 -51.79 -8.53
C ARG B 26 14.84 -51.21 -7.38
N LYS B 27 15.25 -51.50 -6.14
CA LYS B 27 14.57 -50.97 -4.98
C LYS B 27 14.85 -49.48 -4.89
N SER B 28 16.12 -49.11 -5.12
CA SER B 28 16.60 -47.74 -5.11
C SER B 28 15.91 -46.89 -6.19
N GLY B 29 15.61 -47.49 -7.34
CA GLY B 29 14.79 -46.86 -8.36
C GLY B 29 13.42 -46.51 -7.80
N GLU B 30 12.72 -47.48 -7.19
CA GLU B 30 11.34 -47.29 -6.71
C GLU B 30 11.31 -46.23 -5.62
N GLU B 31 12.25 -46.29 -4.67
CA GLU B 31 12.41 -45.27 -3.66
C GLU B 31 12.51 -43.86 -4.27
N GLN B 32 13.45 -43.70 -5.21
CA GLN B 32 13.70 -42.49 -5.98
C GLN B 32 12.38 -42.00 -6.58
N ARG B 33 11.60 -42.89 -7.18
CA ARG B 33 10.38 -42.43 -7.86
C ARG B 33 9.40 -41.95 -6.81
N SER B 34 9.34 -42.70 -5.70
CA SER B 34 8.43 -42.43 -4.60
C SER B 34 8.79 -41.10 -3.94
N TYR B 35 10.09 -40.90 -3.71
CA TYR B 35 10.56 -39.72 -2.99
C TYR B 35 10.27 -38.49 -3.85
N GLY B 36 10.63 -38.56 -5.13
CA GLY B 36 10.30 -37.51 -6.08
C GLY B 36 8.79 -37.20 -6.16
N GLU B 37 7.94 -38.21 -6.02
CA GLU B 37 6.51 -37.91 -5.98
C GLU B 37 6.15 -37.18 -4.68
N GLU B 38 6.46 -37.80 -3.53
CA GLU B 38 6.01 -37.21 -2.29
C GLU B 38 6.56 -35.78 -2.20
N LYS B 39 7.73 -35.55 -2.79
CA LYS B 39 8.36 -34.24 -2.63
C LYS B 39 7.80 -33.24 -3.63
N ALA B 40 7.36 -33.70 -4.80
CA ALA B 40 6.68 -32.76 -5.67
C ALA B 40 5.37 -32.31 -5.03
N VAL B 41 4.72 -33.26 -4.32
CA VAL B 41 3.41 -33.08 -3.71
C VAL B 41 3.49 -31.98 -2.65
N SER B 42 4.46 -32.14 -1.76
CA SER B 42 4.54 -31.26 -0.60
C SER B 42 4.95 -29.85 -1.05
N PHE B 43 5.88 -29.78 -2.00
CA PHE B 43 6.35 -28.53 -2.57
C PHE B 43 5.17 -27.77 -3.20
N LEU B 44 4.38 -28.45 -4.04
CA LEU B 44 3.20 -27.84 -4.60
C LEU B 44 2.27 -27.34 -3.49
N LYS B 45 2.09 -28.15 -2.44
CA LYS B 45 1.19 -27.85 -1.33
C LYS B 45 1.62 -26.54 -0.68
N GLN B 46 2.92 -26.45 -0.32
CA GLN B 46 3.44 -25.33 0.41
C GLN B 46 3.30 -24.05 -0.41
N THR B 47 3.67 -24.13 -1.69
CA THR B 47 3.46 -23.15 -2.75
C THR B 47 2.05 -22.59 -2.70
N GLU B 48 1.06 -23.50 -2.82
CA GLU B 48 -0.35 -23.18 -2.68
C GLU B 48 -0.57 -22.35 -1.42
N ALA B 49 -0.07 -22.83 -0.28
CA ALA B 49 -0.19 -22.10 0.96
C ALA B 49 0.40 -20.69 0.84
N LEU B 50 1.56 -20.56 0.17
CA LEU B 50 2.20 -19.28 -0.05
C LEU B 50 1.21 -18.44 -0.85
N LYS B 51 0.50 -19.07 -1.81
CA LYS B 51 -0.30 -18.35 -2.77
C LYS B 51 -1.45 -17.73 -2.01
N GLN B 52 -2.04 -18.50 -1.08
CA GLN B 52 -3.26 -18.03 -0.46
C GLN B 52 -2.88 -17.01 0.61
N ARG B 53 -1.73 -17.20 1.25
CA ARG B 53 -1.27 -16.26 2.29
C ARG B 53 -1.11 -14.89 1.67
N VAL B 54 -0.46 -14.81 0.51
CA VAL B 54 -0.23 -13.53 -0.14
C VAL B 54 -1.59 -12.94 -0.52
N GLN B 55 -2.54 -13.81 -0.90
CA GLN B 55 -3.85 -13.35 -1.34
C GLN B 55 -4.64 -12.77 -0.17
N ARG B 56 -4.79 -13.56 0.89
CA ARG B 56 -5.39 -13.17 2.16
C ARG B 56 -4.79 -11.83 2.61
N LYS B 57 -3.48 -11.63 2.41
CA LYS B 57 -2.85 -10.37 2.76
C LYS B 57 -3.43 -9.26 1.88
N LEU B 58 -3.31 -9.42 0.55
CA LEU B 58 -3.69 -8.36 -0.35
C LEU B 58 -5.16 -8.02 -0.10
N GLU B 59 -5.95 -9.03 0.26
CA GLU B 59 -7.34 -8.77 0.59
C GLU B 59 -7.40 -7.75 1.74
N GLN B 60 -6.54 -7.94 2.77
CA GLN B 60 -6.50 -7.13 3.97
CA GLN B 60 -6.51 -7.13 3.97
C GLN B 60 -6.10 -5.70 3.62
N VAL B 61 -5.28 -5.53 2.58
CA VAL B 61 -4.77 -4.23 2.19
C VAL B 61 -5.86 -3.49 1.43
N TYR B 62 -6.49 -4.18 0.46
CA TYR B 62 -7.62 -3.71 -0.32
C TYR B 62 -8.67 -3.06 0.57
N TYR B 63 -9.13 -3.79 1.60
CA TYR B 63 -10.22 -3.37 2.46
C TYR B 63 -9.74 -2.25 3.39
N PHE B 64 -8.43 -2.21 3.72
CA PHE B 64 -7.89 -1.15 4.56
C PHE B 64 -7.84 0.16 3.76
N LEU B 65 -7.50 0.08 2.46
CA LEU B 65 -7.52 1.26 1.65
C LEU B 65 -8.96 1.75 1.48
N GLU B 66 -9.93 0.85 1.60
CA GLU B 66 -11.31 1.25 1.37
C GLU B 66 -11.83 2.03 2.58
N GLN B 67 -11.59 1.47 3.77
CA GLN B 67 -12.03 2.07 5.02
C GLN B 67 -11.35 3.43 5.25
N GLN B 68 -10.13 3.61 4.71
CA GLN B 68 -9.39 4.84 4.91
C GLN B 68 -9.85 5.90 3.90
N GLU B 69 -9.91 5.51 2.62
CA GLU B 69 -10.60 6.33 1.64
C GLU B 69 -11.95 6.77 2.18
N HIS B 70 -12.70 5.84 2.78
CA HIS B 70 -13.98 6.25 3.31
C HIS B 70 -13.81 7.33 4.38
N PHE B 71 -12.95 7.08 5.38
CA PHE B 71 -12.78 8.02 6.47
C PHE B 71 -12.33 9.36 5.88
N PHE B 72 -11.46 9.33 4.88
CA PHE B 72 -10.92 10.57 4.35
C PHE B 72 -12.01 11.42 3.66
N VAL B 73 -12.85 10.81 2.81
CA VAL B 73 -13.88 11.61 2.14
C VAL B 73 -14.80 12.20 3.21
N ALA B 74 -15.13 11.42 4.25
CA ALA B 74 -16.05 11.86 5.28
C ALA B 74 -15.40 13.01 6.08
N SER B 75 -14.09 12.93 6.28
CA SER B 75 -13.41 13.99 7.00
C SER B 75 -13.60 15.29 6.24
N LEU B 76 -13.28 15.28 4.93
CA LEU B 76 -13.39 16.46 4.11
C LEU B 76 -14.86 16.85 3.98
N GLU B 77 -15.80 15.89 3.97
CA GLU B 77 -17.19 16.31 3.95
C GLU B 77 -17.42 17.24 5.13
N ASP B 78 -17.03 16.75 6.33
CA ASP B 78 -17.04 17.50 7.57
C ASP B 78 -16.47 18.91 7.37
N VAL B 79 -15.23 19.02 6.92
CA VAL B 79 -14.64 20.33 6.68
C VAL B 79 -15.62 21.19 5.88
N GLY B 80 -16.10 20.66 4.77
CA GLY B 80 -17.06 21.34 3.92
C GLY B 80 -18.20 21.97 4.72
N GLN B 81 -18.90 21.13 5.50
CA GLN B 81 -20.08 21.52 6.25
C GLN B 81 -19.75 22.55 7.33
N MET B 82 -18.48 22.63 7.72
N MET B 82 -18.48 22.64 7.75
CA MET B 82 -18.05 23.54 8.77
CA MET B 82 -18.08 23.57 8.80
C MET B 82 -17.82 24.91 8.16
C MET B 82 -17.84 24.94 8.15
N VAL B 83 -17.06 24.93 7.07
CA VAL B 83 -16.80 26.15 6.32
C VAL B 83 -18.15 26.79 6.00
N GLY B 84 -19.13 25.95 5.65
CA GLY B 84 -20.46 26.41 5.27
C GLY B 84 -21.22 27.05 6.43
N GLN B 85 -21.10 26.48 7.63
CA GLN B 85 -21.73 27.02 8.81
C GLN B 85 -21.06 28.32 9.29
N ILE B 86 -19.71 28.41 9.27
CA ILE B 86 -18.98 29.64 9.59
C ILE B 86 -19.30 30.71 8.54
N ARG B 87 -19.39 30.33 7.28
CA ARG B 87 -19.86 31.29 6.27
C ARG B 87 -21.25 31.81 6.62
N LYS B 88 -22.20 30.92 6.98
CA LYS B 88 -23.58 31.33 7.24
C LYS B 88 -23.64 32.20 8.49
N ALA B 89 -22.92 31.81 9.54
CA ALA B 89 -23.06 32.48 10.81
C ALA B 89 -22.53 33.92 10.70
N TYR B 90 -21.51 34.12 9.87
CA TYR B 90 -20.87 35.42 9.71
C TYR B 90 -21.77 36.31 8.87
N ASP B 91 -22.29 35.76 7.77
CA ASP B 91 -23.20 36.43 6.87
C ASP B 91 -24.42 36.99 7.61
N THR B 92 -25.15 36.09 8.27
CA THR B 92 -26.28 36.47 9.09
C THR B 92 -25.87 37.68 9.93
N ARG B 93 -24.75 37.57 10.66
CA ARG B 93 -24.37 38.60 11.61
C ARG B 93 -24.05 39.90 10.88
N VAL B 94 -23.26 39.85 9.80
CA VAL B 94 -22.85 41.09 9.17
C VAL B 94 -24.06 41.80 8.57
N SER B 95 -24.95 41.03 7.94
CA SER B 95 -26.12 41.61 7.32
C SER B 95 -27.06 42.22 8.35
N GLN B 96 -26.95 41.78 9.61
CA GLN B 96 -27.69 42.42 10.68
C GLN B 96 -27.11 43.81 10.90
N ASP B 97 -25.82 43.84 11.29
CA ASP B 97 -24.99 45.02 11.40
C ASP B 97 -25.33 45.98 10.27
N ILE B 98 -25.43 45.45 9.04
CA ILE B 98 -25.66 46.27 7.86
C ILE B 98 -27.06 46.84 7.90
N ALA B 99 -28.08 45.97 8.03
CA ALA B 99 -29.46 46.42 8.02
C ALA B 99 -29.70 47.51 9.07
N LEU B 100 -28.90 47.48 10.15
CA LEU B 100 -28.98 48.41 11.24
C LEU B 100 -28.27 49.72 10.89
N LEU B 101 -27.23 49.63 10.07
CA LEU B 101 -26.54 50.82 9.59
C LEU B 101 -27.46 51.58 8.63
N ASP B 102 -28.29 50.84 7.88
CA ASP B 102 -29.25 51.39 6.95
C ASP B 102 -30.34 52.13 7.73
N ALA B 103 -30.77 51.50 8.84
CA ALA B 103 -31.64 52.12 9.83
C ALA B 103 -31.10 53.51 10.14
N LEU B 104 -29.82 53.58 10.49
CA LEU B 104 -29.18 54.85 10.81
C LEU B 104 -28.98 55.73 9.56
N ILE B 105 -28.75 55.12 8.38
CA ILE B 105 -28.56 55.90 7.16
C ILE B 105 -29.86 56.64 6.78
N GLY B 106 -30.93 55.89 6.52
CA GLY B 106 -32.16 56.50 6.04
C GLY B 106 -32.63 57.62 6.96
N GLU B 107 -32.29 57.50 8.24
CA GLU B 107 -32.70 58.43 9.30
C GLU B 107 -32.21 59.85 9.03
N LEU B 108 -30.89 60.00 8.93
CA LEU B 108 -30.25 61.27 8.64
C LEU B 108 -30.60 61.66 7.20
N GLU B 109 -30.50 60.71 6.28
CA GLU B 109 -30.69 61.01 4.86
C GLU B 109 -32.08 61.54 4.59
N ALA B 110 -33.04 61.20 5.46
CA ALA B 110 -34.45 61.53 5.22
C ALA B 110 -34.87 62.83 5.91
N LYS B 111 -34.21 63.17 7.02
CA LYS B 111 -34.46 64.44 7.67
C LYS B 111 -33.69 65.53 6.92
N GLU B 112 -32.46 65.23 6.49
CA GLU B 112 -31.69 66.14 5.66
C GLU B 112 -32.30 66.17 4.25
N GLY C 1 -46.72 75.55 18.16
CA GLY C 1 -45.33 75.06 18.40
C GLY C 1 -45.32 73.82 19.30
N PRO C 2 -44.25 72.99 19.27
CA PRO C 2 -44.18 71.73 20.03
C PRO C 2 -43.67 71.80 21.48
N SER C 3 -43.31 73.00 21.94
CA SER C 3 -42.80 73.31 23.27
C SER C 3 -41.31 72.96 23.41
N GLY C 4 -40.63 73.70 24.29
CA GLY C 4 -39.19 73.57 24.43
C GLY C 4 -38.91 72.25 25.13
N GLY C 5 -39.90 71.84 25.92
CA GLY C 5 -39.81 70.64 26.72
C GLY C 5 -39.89 69.38 25.87
N GLU C 6 -40.80 69.36 24.89
CA GLU C 6 -41.00 68.19 24.06
C GLU C 6 -39.94 68.13 22.95
N VAL C 7 -39.33 69.28 22.62
CA VAL C 7 -38.22 69.32 21.68
C VAL C 7 -36.98 68.69 22.32
N ALA C 8 -36.69 69.10 23.56
CA ALA C 8 -35.56 68.60 24.33
C ALA C 8 -35.69 67.10 24.54
N LEU C 9 -36.94 66.63 24.71
CA LEU C 9 -37.30 65.25 25.02
C LEU C 9 -36.90 64.37 23.85
N GLU C 10 -37.45 64.69 22.67
CA GLU C 10 -37.25 63.96 21.42
C GLU C 10 -35.77 63.90 21.06
N HIS C 11 -35.06 65.03 21.22
CA HIS C 11 -33.63 65.04 20.95
C HIS C 11 -32.95 64.03 21.87
N LYS C 12 -33.31 64.06 23.16
CA LYS C 12 -32.65 63.21 24.15
C LYS C 12 -32.83 61.73 23.75
N LYS C 13 -34.09 61.33 23.52
CA LYS C 13 -34.39 59.98 23.08
C LYS C 13 -33.66 59.72 21.76
N LYS C 14 -33.79 60.64 20.79
CA LYS C 14 -33.25 60.47 19.46
C LYS C 14 -31.73 60.24 19.51
N ILE C 15 -31.03 60.91 20.43
CA ILE C 15 -29.58 60.79 20.51
C ILE C 15 -29.21 59.54 21.33
N GLN C 16 -30.17 59.00 22.11
CA GLN C 16 -29.85 57.85 22.91
CA GLN C 16 -29.90 57.84 22.92
C GLN C 16 -29.91 56.61 22.02
N LYS C 17 -30.97 56.49 21.21
CA LYS C 17 -31.13 55.37 20.30
C LYS C 17 -29.88 55.25 19.41
N GLN C 18 -29.34 56.39 18.97
CA GLN C 18 -28.20 56.41 18.07
C GLN C 18 -26.97 55.81 18.76
N LEU C 19 -26.70 56.28 19.98
CA LEU C 19 -25.58 55.79 20.78
C LEU C 19 -25.77 54.31 21.11
N GLU C 20 -27.04 53.86 21.15
CA GLU C 20 -27.38 52.47 21.42
C GLU C 20 -27.07 51.62 20.20
N HIS C 21 -27.63 52.00 19.04
CA HIS C 21 -27.38 51.27 17.82
C HIS C 21 -25.89 51.18 17.53
N LEU C 22 -25.13 52.23 17.86
CA LEU C 22 -23.69 52.24 17.69
C LEU C 22 -23.00 51.22 18.60
N LYS C 23 -23.32 51.21 19.91
CA LYS C 23 -22.53 50.43 20.86
C LYS C 23 -22.76 48.93 20.65
N LYS C 24 -23.99 48.55 20.27
CA LYS C 24 -24.21 47.23 19.70
C LYS C 24 -23.19 46.99 18.57
N LEU C 25 -23.20 47.84 17.52
CA LEU C 25 -22.38 47.60 16.34
C LEU C 25 -20.97 47.31 16.80
N ARG C 26 -20.54 48.03 17.83
CA ARG C 26 -19.19 47.84 18.36
C ARG C 26 -19.12 46.52 19.12
N LYS C 27 -20.19 46.19 19.85
CA LYS C 27 -20.20 44.91 20.52
C LYS C 27 -20.08 43.84 19.43
N SER C 28 -20.96 43.96 18.43
CA SER C 28 -21.01 43.02 17.30
C SER C 28 -19.66 42.88 16.61
N GLY C 29 -18.89 43.96 16.59
CA GLY C 29 -17.55 43.88 16.05
C GLY C 29 -16.67 42.97 16.88
N GLU C 30 -16.63 43.19 18.20
CA GLU C 30 -15.81 42.44 19.14
C GLU C 30 -16.15 40.94 19.09
N GLU C 31 -17.45 40.61 18.96
CA GLU C 31 -17.90 39.24 18.84
C GLU C 31 -17.41 38.55 17.55
N GLN C 32 -17.48 39.26 16.40
CA GLN C 32 -16.95 38.83 15.10
C GLN C 32 -15.44 38.57 15.22
N ARG C 33 -14.71 39.45 15.91
CA ARG C 33 -13.27 39.26 16.06
C ARG C 33 -13.04 38.02 16.92
N SER C 34 -13.90 37.83 17.95
CA SER C 34 -13.74 36.74 18.90
C SER C 34 -14.08 35.41 18.22
N TYR C 35 -15.14 35.43 17.40
CA TYR C 35 -15.64 34.20 16.80
C TYR C 35 -14.61 33.75 15.76
N GLY C 36 -14.15 34.71 14.95
CA GLY C 36 -13.08 34.50 13.99
C GLY C 36 -11.88 33.78 14.58
N GLU C 37 -11.42 34.21 15.77
CA GLU C 37 -10.25 33.65 16.40
C GLU C 37 -10.47 32.20 16.89
N GLU C 38 -11.42 32.04 17.81
CA GLU C 38 -11.83 30.72 18.27
C GLU C 38 -11.87 29.78 17.06
N LYS C 39 -12.50 30.19 15.98
CA LYS C 39 -12.76 29.26 14.89
C LYS C 39 -11.52 29.01 14.06
N ALA C 40 -10.57 29.96 14.01
CA ALA C 40 -9.29 29.65 13.37
C ALA C 40 -8.49 28.67 14.24
N VAL C 41 -8.59 28.84 15.57
CA VAL C 41 -7.88 28.04 16.55
C VAL C 41 -8.32 26.58 16.41
N SER C 42 -9.64 26.41 16.39
CA SER C 42 -10.27 25.11 16.27
C SER C 42 -9.86 24.46 14.94
N PHE C 43 -10.16 25.12 13.81
CA PHE C 43 -9.86 24.64 12.48
C PHE C 43 -8.42 24.15 12.41
N LEU C 44 -7.47 25.01 12.74
CA LEU C 44 -6.07 24.61 12.77
C LEU C 44 -5.93 23.31 13.54
N LYS C 45 -6.51 23.26 14.75
CA LYS C 45 -6.40 22.14 15.67
C LYS C 45 -6.83 20.84 14.99
N GLN C 46 -8.06 20.79 14.48
CA GLN C 46 -8.61 19.60 13.85
C GLN C 46 -7.73 19.14 12.69
N THR C 47 -7.34 20.09 11.85
CA THR C 47 -6.38 19.95 10.77
C THR C 47 -5.11 19.25 11.25
N GLU C 48 -4.52 19.77 12.33
CA GLU C 48 -3.38 19.12 12.94
C GLU C 48 -3.75 17.67 13.25
N ALA C 49 -4.84 17.45 13.98
CA ALA C 49 -5.32 16.10 14.26
C ALA C 49 -5.33 15.23 12.98
N LEU C 50 -6.00 15.69 11.91
CA LEU C 50 -6.06 15.00 10.63
C LEU C 50 -4.63 14.65 10.18
N LYS C 51 -3.67 15.56 10.48
CA LYS C 51 -2.34 15.45 9.92
C LYS C 51 -1.71 14.25 10.62
N GLN C 52 -1.85 14.25 11.95
CA GLN C 52 -1.16 13.23 12.71
C GLN C 52 -1.84 11.90 12.39
N ARG C 53 -3.18 11.87 12.32
CA ARG C 53 -3.85 10.60 12.08
C ARG C 53 -3.21 9.99 10.84
N VAL C 54 -3.19 10.74 9.74
CA VAL C 54 -2.69 10.18 8.49
C VAL C 54 -1.25 9.68 8.66
N GLN C 55 -0.40 10.42 9.39
CA GLN C 55 1.01 10.04 9.56
C GLN C 55 1.08 8.70 10.29
N ARG C 56 0.59 8.69 11.54
CA ARG C 56 0.47 7.52 12.40
C ARG C 56 -0.09 6.33 11.61
N LYS C 57 -0.96 6.63 10.64
CA LYS C 57 -1.45 5.60 9.75
C LYS C 57 -0.30 5.16 8.83
N LEU C 58 0.20 6.10 8.01
CA LEU C 58 1.19 5.75 7.02
C LEU C 58 2.36 5.04 7.73
N GLU C 59 2.59 5.36 9.01
CA GLU C 59 3.59 4.66 9.80
C GLU C 59 3.25 3.16 9.91
N GLN C 60 1.96 2.83 10.11
CA GLN C 60 1.40 1.50 10.23
CA GLN C 60 1.45 1.48 10.24
C GLN C 60 1.55 0.72 8.91
N VAL C 61 1.40 1.44 7.80
CA VAL C 61 1.52 0.83 6.49
C VAL C 61 2.99 0.47 6.25
N TYR C 62 3.87 1.43 6.53
CA TYR C 62 5.32 1.28 6.41
C TYR C 62 5.79 0.00 7.13
N TYR C 63 5.59 -0.07 8.45
CA TYR C 63 6.00 -1.23 9.24
C TYR C 63 5.34 -2.51 8.73
N PHE C 64 4.14 -2.40 8.16
CA PHE C 64 3.44 -3.57 7.63
C PHE C 64 4.12 -4.10 6.37
N LEU C 65 4.70 -3.21 5.58
CA LEU C 65 5.39 -3.64 4.40
C LEU C 65 6.72 -4.28 4.78
N GLU C 66 7.27 -3.90 5.93
CA GLU C 66 8.57 -4.39 6.36
C GLU C 66 8.43 -5.86 6.80
N GLN C 67 7.50 -6.10 7.73
CA GLN C 67 7.08 -7.39 8.20
C GLN C 67 6.85 -8.34 7.03
N GLN C 68 6.12 -7.89 6.02
CA GLN C 68 5.77 -8.77 4.93
C GLN C 68 6.99 -8.98 4.03
N GLU C 69 7.71 -7.90 3.75
CA GLU C 69 8.97 -8.09 3.08
C GLU C 69 9.82 -9.11 3.86
N HIS C 70 9.91 -8.97 5.18
CA HIS C 70 10.71 -9.95 5.89
C HIS C 70 10.16 -11.37 5.65
N PHE C 71 8.88 -11.56 5.87
CA PHE C 71 8.32 -12.90 5.73
C PHE C 71 8.54 -13.37 4.29
N PHE C 72 8.44 -12.47 3.31
CA PHE C 72 8.60 -12.96 1.95
C PHE C 72 10.03 -13.43 1.62
N VAL C 73 11.06 -12.67 2.01
CA VAL C 73 12.41 -13.09 1.68
C VAL C 73 12.69 -14.42 2.38
N ALA C 74 12.17 -14.54 3.61
CA ALA C 74 12.39 -15.72 4.44
C ALA C 74 11.66 -16.94 3.88
N SER C 75 10.46 -16.74 3.30
CA SER C 75 9.81 -17.87 2.68
C SER C 75 10.74 -18.39 1.59
N LEU C 76 11.20 -17.48 0.73
CA LEU C 76 11.96 -17.86 -0.45
C LEU C 76 13.32 -18.37 -0.01
N GLU C 77 13.84 -17.90 1.12
CA GLU C 77 15.09 -18.50 1.55
C GLU C 77 14.84 -20.00 1.78
N ASP C 78 13.75 -20.30 2.52
CA ASP C 78 13.32 -21.65 2.87
C ASP C 78 13.29 -22.53 1.62
N VAL C 79 12.56 -22.09 0.60
CA VAL C 79 12.49 -22.80 -0.67
C VAL C 79 13.89 -23.17 -1.11
N GLY C 80 14.78 -22.18 -1.05
CA GLY C 80 16.20 -22.35 -1.32
C GLY C 80 16.78 -23.59 -0.66
N GLN C 81 16.66 -23.64 0.69
CA GLN C 81 17.20 -24.72 1.49
C GLN C 81 16.60 -26.07 1.04
N MET C 82 15.30 -26.07 0.74
N MET C 82 15.30 -26.10 0.74
CA MET C 82 14.59 -27.30 0.41
CA MET C 82 14.66 -27.36 0.43
C MET C 82 15.16 -27.88 -0.88
C MET C 82 15.18 -27.91 -0.90
N VAL C 83 15.10 -27.05 -1.93
CA VAL C 83 15.62 -27.41 -3.24
C VAL C 83 17.00 -28.04 -3.04
N GLY C 84 17.86 -27.33 -2.29
CA GLY C 84 19.22 -27.75 -1.97
C GLY C 84 19.29 -29.15 -1.35
N GLN C 85 18.55 -29.36 -0.25
CA GLN C 85 18.49 -30.64 0.44
C GLN C 85 17.91 -31.75 -0.45
N ILE C 86 17.01 -31.38 -1.37
CA ILE C 86 16.44 -32.32 -2.32
C ILE C 86 17.42 -32.67 -3.42
N ARG C 87 18.37 -31.76 -3.72
CA ARG C 87 19.43 -32.00 -4.70
C ARG C 87 20.50 -32.89 -4.08
N LYS C 88 20.80 -32.69 -2.78
CA LYS C 88 21.83 -33.44 -2.09
C LYS C 88 21.36 -34.88 -1.90
N ALA C 89 20.09 -35.05 -1.57
CA ALA C 89 19.67 -36.36 -1.13
C ALA C 89 19.49 -37.28 -2.35
N TYR C 90 19.24 -36.70 -3.53
CA TYR C 90 19.09 -37.44 -4.76
C TYR C 90 20.48 -37.79 -5.27
N ASP C 91 21.31 -36.76 -5.38
CA ASP C 91 22.72 -36.92 -5.70
C ASP C 91 23.38 -38.06 -4.91
N THR C 92 23.37 -37.97 -3.59
CA THR C 92 23.96 -39.04 -2.79
C THR C 92 23.42 -40.34 -3.37
N ARG C 93 22.10 -40.48 -3.35
CA ARG C 93 21.47 -41.73 -3.69
C ARG C 93 21.89 -42.18 -5.09
N VAL C 94 21.96 -41.24 -6.05
CA VAL C 94 22.18 -41.71 -7.41
C VAL C 94 23.63 -42.12 -7.58
N SER C 95 24.51 -41.43 -6.86
CA SER C 95 25.94 -41.66 -6.91
C SER C 95 26.25 -43.00 -6.26
N GLN C 96 25.36 -43.46 -5.39
CA GLN C 96 25.50 -44.75 -4.74
C GLN C 96 25.25 -45.87 -5.75
N ASP C 97 24.05 -45.86 -6.36
CA ASP C 97 23.73 -46.63 -7.54
C ASP C 97 24.93 -46.66 -8.50
N ILE C 98 25.50 -45.48 -8.79
CA ILE C 98 26.49 -45.41 -9.84
C ILE C 98 27.73 -46.21 -9.44
N ALA C 99 28.25 -45.96 -8.23
CA ALA C 99 29.44 -46.65 -7.78
C ALA C 99 29.19 -48.15 -7.63
N LEU C 100 27.91 -48.53 -7.42
CA LEU C 100 27.52 -49.92 -7.31
C LEU C 100 27.37 -50.55 -8.70
N LEU C 101 27.15 -49.68 -9.70
CA LEU C 101 27.10 -50.15 -11.08
C LEU C 101 28.55 -50.35 -11.57
N ASP C 102 29.46 -49.47 -11.12
CA ASP C 102 30.88 -49.52 -11.42
C ASP C 102 31.47 -50.82 -10.87
N ALA C 103 31.05 -51.21 -9.66
CA ALA C 103 31.46 -52.46 -9.02
C ALA C 103 31.13 -53.63 -9.94
N LEU C 104 29.92 -53.60 -10.50
CA LEU C 104 29.47 -54.62 -11.44
C LEU C 104 30.22 -54.54 -12.78
N ILE C 105 30.62 -53.33 -13.20
CA ILE C 105 31.26 -53.13 -14.50
C ILE C 105 32.69 -53.68 -14.51
N GLY C 106 33.57 -53.16 -13.64
CA GLY C 106 34.95 -53.61 -13.55
C GLY C 106 35.04 -55.14 -13.55
N GLU C 107 34.19 -55.79 -12.72
CA GLU C 107 34.12 -57.23 -12.54
CA GLU C 107 34.11 -57.24 -12.53
C GLU C 107 33.95 -58.02 -13.84
N LEU C 108 32.85 -57.72 -14.56
CA LEU C 108 32.63 -58.32 -15.87
C LEU C 108 33.81 -57.95 -16.76
N GLU C 109 34.28 -56.71 -16.67
CA GLU C 109 35.18 -56.14 -17.66
C GLU C 109 36.64 -56.32 -17.25
N ALA C 110 36.93 -57.30 -16.39
CA ALA C 110 38.32 -57.59 -16.03
C ALA C 110 38.58 -59.09 -16.00
N LYS C 111 37.49 -59.87 -15.93
CA LYS C 111 37.52 -61.28 -16.29
C LYS C 111 37.39 -61.42 -17.81
N GLU C 112 36.76 -60.40 -18.45
CA GLU C 112 36.59 -60.34 -19.89
C GLU C 112 37.94 -60.05 -20.56
N GLY D 1 24.22 -82.43 -29.61
CA GLY D 1 24.38 -81.34 -28.60
C GLY D 1 24.53 -79.97 -29.26
N PRO D 2 24.74 -78.89 -28.48
CA PRO D 2 24.88 -77.53 -29.02
C PRO D 2 26.20 -77.24 -29.74
N SER D 3 27.29 -77.89 -29.31
CA SER D 3 28.65 -77.70 -29.80
C SER D 3 29.36 -76.54 -29.08
N GLY D 4 30.68 -76.73 -28.93
CA GLY D 4 31.48 -75.90 -28.07
C GLY D 4 31.54 -74.51 -28.67
N GLY D 5 31.42 -74.50 -30.00
CA GLY D 5 31.45 -73.27 -30.77
C GLY D 5 30.23 -72.39 -30.48
N GLU D 6 29.05 -73.00 -30.54
CA GLU D 6 27.84 -72.21 -30.45
C GLU D 6 27.51 -71.93 -28.97
N VAL D 7 28.03 -72.73 -28.02
CA VAL D 7 27.93 -72.38 -26.61
C VAL D 7 28.76 -71.13 -26.32
N ALA D 8 30.04 -71.12 -26.74
CA ALA D 8 30.92 -69.99 -26.53
C ALA D 8 30.29 -68.73 -27.12
N LEU D 9 29.63 -68.90 -28.26
CA LEU D 9 29.04 -67.83 -29.06
C LEU D 9 28.01 -67.09 -28.21
N GLU D 10 26.93 -67.80 -27.85
CA GLU D 10 25.80 -67.27 -27.09
C GLU D 10 26.25 -66.65 -25.76
N HIS D 11 27.18 -67.31 -25.06
CA HIS D 11 27.67 -66.78 -23.79
C HIS D 11 28.34 -65.42 -24.01
N LYS D 12 29.14 -65.32 -25.10
CA LYS D 12 29.80 -64.07 -25.45
C LYS D 12 28.75 -62.98 -25.69
N LYS D 13 27.79 -63.27 -26.57
CA LYS D 13 26.69 -62.35 -26.80
C LYS D 13 26.06 -62.05 -25.44
N LYS D 14 25.85 -63.11 -24.62
CA LYS D 14 24.98 -63.01 -23.46
C LYS D 14 25.57 -61.99 -22.47
N ILE D 15 26.88 -62.10 -22.21
CA ILE D 15 27.63 -61.23 -21.34
C ILE D 15 27.76 -59.84 -21.99
N GLN D 16 27.63 -59.78 -23.34
CA GLN D 16 27.71 -58.53 -24.11
CA GLN D 16 27.75 -58.51 -24.04
C GLN D 16 26.49 -57.68 -23.81
N LYS D 17 25.31 -58.30 -24.00
CA LYS D 17 24.03 -57.67 -23.75
C LYS D 17 23.95 -57.14 -22.32
N GLN D 18 24.49 -57.90 -21.35
CA GLN D 18 24.47 -57.55 -19.94
C GLN D 18 25.23 -56.26 -19.70
N LEU D 19 26.49 -56.30 -20.12
CA LEU D 19 27.45 -55.22 -19.93
C LEU D 19 26.96 -53.97 -20.68
N GLU D 20 26.08 -54.17 -21.67
CA GLU D 20 25.50 -53.06 -22.39
C GLU D 20 24.42 -52.37 -21.53
N HIS D 21 23.43 -53.15 -21.06
CA HIS D 21 22.41 -52.65 -20.16
C HIS D 21 23.06 -51.96 -18.96
N LEU D 22 24.05 -52.61 -18.35
CA LEU D 22 24.64 -52.00 -17.18
C LEU D 22 25.18 -50.60 -17.49
N LYS D 23 25.85 -50.42 -18.64
CA LYS D 23 26.61 -49.20 -18.91
C LYS D 23 25.62 -48.10 -19.27
N LYS D 24 24.54 -48.45 -19.99
CA LYS D 24 23.43 -47.52 -20.06
C LYS D 24 23.05 -47.10 -18.63
N LEU D 25 22.63 -48.06 -17.79
CA LEU D 25 22.15 -47.72 -16.46
C LEU D 25 23.06 -46.71 -15.81
N ARG D 26 24.37 -46.89 -15.98
CA ARG D 26 25.37 -46.01 -15.41
C ARG D 26 25.40 -44.68 -16.15
N LYS D 27 25.11 -44.69 -17.45
CA LYS D 27 25.01 -43.42 -18.14
C LYS D 27 23.84 -42.66 -17.54
N SER D 28 22.68 -43.33 -17.52
CA SER D 28 21.43 -42.79 -16.98
C SER D 28 21.63 -42.22 -15.58
N GLY D 29 22.46 -42.86 -14.77
CA GLY D 29 22.88 -42.30 -13.50
C GLY D 29 23.44 -40.90 -13.67
N GLU D 30 24.46 -40.74 -14.52
CA GLU D 30 25.19 -39.48 -14.68
C GLU D 30 24.30 -38.37 -15.25
N GLU D 31 23.50 -38.66 -16.29
CA GLU D 31 22.53 -37.70 -16.79
C GLU D 31 21.56 -37.27 -15.70
N GLN D 32 21.06 -38.22 -14.88
CA GLN D 32 20.13 -37.96 -13.78
C GLN D 32 20.79 -36.99 -12.79
N ARG D 33 22.08 -37.21 -12.50
CA ARG D 33 22.74 -36.39 -11.49
C ARG D 33 23.01 -35.03 -12.09
N SER D 34 23.15 -35.01 -13.44
CA SER D 34 23.40 -33.79 -14.20
C SER D 34 22.14 -32.97 -14.33
N TYR D 35 21.01 -33.64 -14.62
CA TYR D 35 19.76 -32.92 -14.81
C TYR D 35 19.37 -32.30 -13.47
N GLY D 36 19.36 -33.12 -12.42
CA GLY D 36 19.21 -32.63 -11.06
C GLY D 36 20.00 -31.37 -10.74
N GLU D 37 21.31 -31.39 -11.02
CA GLU D 37 22.15 -30.21 -10.78
C GLU D 37 21.66 -28.98 -11.56
N GLU D 38 21.75 -29.02 -12.88
CA GLU D 38 21.35 -27.87 -13.69
C GLU D 38 19.96 -27.39 -13.30
N LYS D 39 19.04 -28.30 -12.94
CA LYS D 39 17.68 -27.89 -12.64
C LYS D 39 17.61 -27.17 -11.30
N ALA D 40 18.35 -27.65 -10.30
CA ALA D 40 18.43 -26.97 -9.00
C ALA D 40 19.03 -25.58 -9.14
N VAL D 41 19.99 -25.43 -10.06
CA VAL D 41 20.71 -24.18 -10.26
C VAL D 41 19.73 -23.19 -10.87
N SER D 42 18.97 -23.71 -11.84
CA SER D 42 18.01 -22.88 -12.55
C SER D 42 16.94 -22.38 -11.58
N PHE D 43 16.32 -23.32 -10.88
CA PHE D 43 15.34 -23.06 -9.84
C PHE D 43 15.81 -21.92 -8.94
N LEU D 44 16.90 -22.15 -8.19
CA LEU D 44 17.45 -21.12 -7.30
C LEU D 44 17.58 -19.79 -8.02
N LYS D 45 18.08 -19.78 -9.27
CA LYS D 45 18.36 -18.56 -10.02
C LYS D 45 17.08 -17.76 -10.24
N GLN D 46 16.01 -18.41 -10.70
CA GLN D 46 14.76 -17.75 -11.00
C GLN D 46 14.20 -17.12 -9.74
N THR D 47 14.10 -17.94 -8.68
CA THR D 47 13.69 -17.65 -7.31
C THR D 47 14.39 -16.40 -6.77
N GLU D 48 15.72 -16.37 -6.93
CA GLU D 48 16.47 -15.15 -6.64
C GLU D 48 15.80 -13.97 -7.35
N ALA D 49 15.62 -14.08 -8.67
CA ALA D 49 15.02 -13.04 -9.50
C ALA D 49 13.64 -12.61 -8.95
N LEU D 50 12.80 -13.57 -8.55
CA LEU D 50 11.52 -13.31 -7.91
C LEU D 50 11.77 -12.44 -6.67
N LYS D 51 12.81 -12.78 -5.91
CA LYS D 51 13.03 -12.18 -4.63
C LYS D 51 13.40 -10.72 -4.89
N GLN D 52 14.23 -10.50 -5.90
CA GLN D 52 14.60 -9.14 -6.24
C GLN D 52 13.43 -8.39 -6.88
N ARG D 53 12.70 -8.99 -7.82
CA ARG D 53 11.56 -8.28 -8.41
C ARG D 53 10.71 -7.73 -7.26
N VAL D 54 10.31 -8.61 -6.35
CA VAL D 54 9.36 -8.25 -5.31
C VAL D 54 9.97 -7.14 -4.44
N GLN D 55 11.28 -7.19 -4.20
CA GLN D 55 11.96 -6.16 -3.43
C GLN D 55 11.88 -4.81 -4.13
N ARG D 56 12.36 -4.76 -5.38
CA ARG D 56 12.40 -3.53 -6.15
C ARG D 56 11.00 -2.93 -6.23
N LYS D 57 9.98 -3.80 -6.26
CA LYS D 57 8.62 -3.31 -6.23
C LYS D 57 8.37 -2.60 -4.91
N LEU D 58 8.71 -3.27 -3.78
CA LEU D 58 8.44 -2.72 -2.47
C LEU D 58 9.20 -1.41 -2.27
N GLU D 59 10.41 -1.32 -2.80
CA GLU D 59 11.10 -0.04 -2.78
C GLU D 59 10.21 1.02 -3.43
N GLN D 60 9.76 0.76 -4.67
CA GLN D 60 8.95 1.68 -5.45
CA GLN D 60 8.95 1.68 -5.45
C GLN D 60 7.76 2.14 -4.63
N VAL D 61 7.18 1.24 -3.82
CA VAL D 61 6.00 1.53 -3.02
C VAL D 61 6.39 2.43 -1.86
N TYR D 62 7.43 2.02 -1.10
CA TYR D 62 8.00 2.77 0.00
C TYR D 62 8.14 4.24 -0.40
N TYR D 63 8.88 4.50 -1.48
CA TYR D 63 9.20 5.84 -1.91
C TYR D 63 7.91 6.57 -2.30
N PHE D 64 6.94 5.84 -2.85
CA PHE D 64 5.68 6.43 -3.28
C PHE D 64 4.89 6.95 -2.06
N LEU D 65 4.83 6.14 -1.01
CA LEU D 65 4.20 6.59 0.20
C LEU D 65 4.91 7.84 0.73
N GLU D 66 6.24 7.89 0.66
CA GLU D 66 6.98 9.02 1.19
C GLU D 66 6.60 10.32 0.46
N GLN D 67 6.63 10.29 -0.88
CA GLN D 67 6.21 11.40 -1.69
C GLN D 67 4.76 11.78 -1.35
N GLN D 68 3.89 10.79 -1.17
CA GLN D 68 2.51 11.10 -0.87
C GLN D 68 2.38 11.68 0.55
N GLU D 69 2.99 11.02 1.53
CA GLU D 69 3.10 11.65 2.83
C GLU D 69 3.58 13.10 2.67
N HIS D 70 4.65 13.33 1.91
CA HIS D 70 5.14 14.67 1.80
C HIS D 70 4.04 15.59 1.24
N PHE D 71 3.50 15.23 0.08
CA PHE D 71 2.52 16.09 -0.56
C PHE D 71 1.40 16.36 0.45
N PHE D 72 0.97 15.33 1.18
CA PHE D 72 -0.18 15.53 2.05
C PHE D 72 0.12 16.57 3.15
N VAL D 73 1.26 16.45 3.84
CA VAL D 73 1.55 17.39 4.92
C VAL D 73 1.58 18.82 4.35
N ALA D 74 2.22 18.98 3.18
CA ALA D 74 2.31 20.27 2.52
C ALA D 74 0.92 20.80 2.16
N SER D 75 -0.05 19.93 1.82
CA SER D 75 -1.34 20.49 1.49
C SER D 75 -1.87 21.18 2.73
N LEU D 76 -1.87 20.42 3.83
CA LEU D 76 -2.46 20.85 5.07
C LEU D 76 -1.63 22.00 5.65
N GLU D 77 -0.33 22.05 5.39
CA GLU D 77 0.39 23.22 5.83
C GLU D 77 -0.24 24.43 5.15
N ASP D 78 -0.38 24.33 3.82
CA ASP D 78 -0.96 25.35 2.95
C ASP D 78 -2.33 25.78 3.46
N VAL D 79 -3.21 24.82 3.71
CA VAL D 79 -4.49 25.14 4.34
C VAL D 79 -4.23 26.00 5.57
N GLY D 80 -3.34 25.52 6.45
CA GLY D 80 -2.91 26.23 7.65
C GLY D 80 -2.68 27.72 7.40
N GLN D 81 -1.85 28.02 6.40
CA GLN D 81 -1.46 29.38 6.09
C GLN D 81 -2.66 30.17 5.57
N MET D 82 -3.61 29.53 4.90
CA MET D 82 -4.74 30.24 4.34
CA MET D 82 -4.76 30.23 4.34
C MET D 82 -5.70 30.65 5.46
N VAL D 83 -6.05 29.69 6.30
CA VAL D 83 -6.95 29.99 7.39
C VAL D 83 -6.35 31.17 8.16
N GLY D 84 -5.01 31.18 8.24
CA GLY D 84 -4.28 32.20 8.96
C GLY D 84 -4.45 33.60 8.36
N GLN D 85 -4.40 33.68 7.01
CA GLN D 85 -4.44 34.95 6.30
C GLN D 85 -5.88 35.47 6.21
N ILE D 86 -6.87 34.56 6.11
CA ILE D 86 -8.27 34.97 6.12
C ILE D 86 -8.63 35.47 7.52
N ARG D 87 -8.17 34.78 8.55
CA ARG D 87 -8.29 35.35 9.89
C ARG D 87 -7.74 36.77 9.87
N LYS D 88 -6.49 36.95 9.43
CA LYS D 88 -5.81 38.21 9.69
C LYS D 88 -6.58 39.31 8.97
N ALA D 89 -7.01 38.97 7.76
CA ALA D 89 -7.51 40.05 6.93
C ALA D 89 -8.84 40.55 7.51
N TYR D 90 -9.64 39.63 8.05
CA TYR D 90 -10.93 39.95 8.65
C TYR D 90 -10.75 40.82 9.88
N ASP D 91 -9.84 40.37 10.74
CA ASP D 91 -9.48 41.06 11.97
C ASP D 91 -9.07 42.51 11.72
N THR D 92 -8.07 42.71 10.86
CA THR D 92 -7.67 44.04 10.45
C THR D 92 -8.93 44.81 10.08
N ARG D 93 -9.77 44.19 9.22
CA ARG D 93 -10.94 44.89 8.73
C ARG D 93 -11.89 45.21 9.89
N VAL D 94 -12.23 44.22 10.71
CA VAL D 94 -13.30 44.42 11.68
C VAL D 94 -12.89 45.44 12.74
N SER D 95 -11.59 45.46 13.08
CA SER D 95 -11.06 46.38 14.06
C SER D 95 -11.06 47.82 13.53
N GLN D 96 -10.97 47.96 12.21
CA GLN D 96 -11.09 49.25 11.55
C GLN D 96 -12.54 49.75 11.55
N ASP D 97 -13.48 48.80 11.51
CA ASP D 97 -14.88 49.11 11.73
C ASP D 97 -15.04 49.63 13.15
N ILE D 98 -14.33 48.98 14.08
CA ILE D 98 -14.56 49.13 15.50
C ILE D 98 -13.96 50.45 15.94
N ALA D 99 -12.73 50.72 15.49
CA ALA D 99 -12.05 51.98 15.77
C ALA D 99 -12.91 53.14 15.27
N LEU D 100 -13.72 52.88 14.25
CA LEU D 100 -14.48 53.96 13.64
C LEU D 100 -15.83 54.09 14.30
N LEU D 101 -16.20 53.08 15.09
CA LEU D 101 -17.40 53.18 15.90
C LEU D 101 -17.06 53.90 17.21
N ASP D 102 -15.83 53.70 17.72
CA ASP D 102 -15.34 54.39 18.91
C ASP D 102 -15.29 55.90 18.68
N ALA D 103 -14.77 56.30 17.50
CA ALA D 103 -14.83 57.67 17.03
C ALA D 103 -16.25 58.20 17.23
N LEU D 104 -17.22 57.50 16.63
CA LEU D 104 -18.62 57.89 16.69
C LEU D 104 -19.16 57.81 18.13
N ILE D 105 -18.59 56.94 18.99
CA ILE D 105 -19.07 56.77 20.37
C ILE D 105 -18.61 57.94 21.24
N GLY D 106 -17.30 58.01 21.50
CA GLY D 106 -16.76 58.98 22.44
C GLY D 106 -17.24 60.41 22.18
N GLU D 107 -17.54 60.71 20.91
N GLU D 107 -17.47 60.71 20.88
CA GLU D 107 -17.88 62.08 20.56
CA GLU D 107 -17.93 62.01 20.41
C GLU D 107 -19.28 62.44 21.07
C GLU D 107 -19.23 62.36 21.14
N LEU D 108 -20.28 61.58 20.85
CA LEU D 108 -21.60 61.77 21.44
C LEU D 108 -21.52 61.78 22.96
N GLU D 109 -20.67 60.91 23.51
CA GLU D 109 -20.61 60.74 24.95
C GLU D 109 -19.99 61.95 25.63
N ALA D 110 -18.90 62.47 25.04
CA ALA D 110 -18.08 63.52 25.65
C ALA D 110 -18.71 64.91 25.51
N LYS D 111 -19.48 65.14 24.44
CA LYS D 111 -20.26 66.36 24.38
C LYS D 111 -21.46 66.24 25.32
N GLU D 112 -22.31 65.22 25.11
CA GLU D 112 -23.33 64.85 26.08
C GLU D 112 -22.65 64.64 27.45
#